data_4N4F
#
_entry.id   4N4F
#
_cell.length_a   92.010
_cell.length_b   59.460
_cell.length_c   53.880
_cell.angle_alpha   90.00
_cell.angle_beta   102.68
_cell.angle_gamma   90.00
#
_symmetry.space_group_name_H-M   'C 1 2 1'
#
loop_
_entity.id
_entity.type
_entity.pdbx_description
1 polymer 'CREB-binding protein'
2 polymer 'Histone 4 Peptide'
3 non-polymer 'ZINC ION'
4 water water
#
loop_
_entity_poly.entity_id
_entity_poly.type
_entity_poly.pdbx_seq_one_letter_code
_entity_poly.pdbx_strand_id
1 'polypeptide(L)'
;PRKKIFKPEELRQALMPTLEALYRQDPESLPFRQPVDPQLLGIPDYFDIVKNPMDLSTIKRKLDTGQYQEPWQYVDDVWL
MFNNAWLYNRKTSRVYKFCSKLAEVFEQEIDPVMQSLGYCCGRKYEFSPQTLCCYGKQLCTIPRDAAYYSYQNRYHFCEK
CFTEIQGENVTLGDDPSQPQTTISKDQFEKKKNDTLDPEPFVDCKECGRKMHQICVLHYDIIWPSGFVCDNCLKKTG
;
A
2 'polypeptide(L)' KGGKGLG(ALY)GGA(ALY)RHRKVLRDN C
#
loop_
_chem_comp.id
_chem_comp.type
_chem_comp.name
_chem_comp.formula
ZN non-polymer 'ZINC ION' 'Zn 2'
#
# COMPACT_ATOMS: atom_id res chain seq x y z
N ARG A 2 -21.52 16.57 1.00
CA ARG A 2 -20.78 16.72 -0.28
C ARG A 2 -19.37 16.08 -0.14
N LYS A 3 -18.51 16.35 -1.10
CA LYS A 3 -17.29 15.64 -1.32
C LYS A 3 -16.29 15.91 -0.21
N LYS A 4 -15.94 14.85 0.53
CA LYS A 4 -14.89 14.94 1.56
C LYS A 4 -13.46 15.36 1.07
N ILE A 5 -12.97 16.45 1.64
CA ILE A 5 -11.57 16.90 1.40
C ILE A 5 -10.76 16.68 2.67
N PHE A 6 -9.61 16.02 2.56
CA PHE A 6 -8.81 15.78 3.72
C PHE A 6 -7.71 16.85 3.76
N LYS A 7 -7.62 17.56 4.86
CA LYS A 7 -6.60 18.54 5.08
C LYS A 7 -5.31 17.84 5.57
N PRO A 8 -4.13 18.41 5.27
CA PRO A 8 -2.85 17.76 5.55
C PRO A 8 -2.69 17.31 7.00
N GLU A 9 -3.18 18.11 7.96
CA GLU A 9 -2.92 17.82 9.35
C GLU A 9 -3.81 16.69 9.86
N GLU A 10 -5.00 16.57 9.33
CA GLU A 10 -5.85 15.44 9.57
C GLU A 10 -5.18 14.10 9.13
N LEU A 11 -4.60 14.11 7.94
CA LEU A 11 -3.92 12.90 7.38
C LEU A 11 -2.63 12.59 8.19
N ARG A 12 -1.88 13.63 8.54
CA ARG A 12 -0.66 13.44 9.28
C ARG A 12 -0.96 12.89 10.67
N GLN A 13 -1.89 13.50 11.38
CA GLN A 13 -2.22 13.00 12.71
C GLN A 13 -2.82 11.59 12.75
N ALA A 14 -3.63 11.23 11.75
CA ALA A 14 -4.16 9.89 11.77
C ALA A 14 -3.09 8.85 11.38
N LEU A 15 -2.30 9.14 10.36
CA LEU A 15 -1.51 8.15 9.63
C LEU A 15 -0.09 8.06 10.22
N MET A 16 0.42 9.16 10.79
CA MET A 16 1.85 9.13 11.11
C MET A 16 2.15 8.03 12.15
N PRO A 17 1.24 7.80 13.09
CA PRO A 17 1.52 6.74 14.03
C PRO A 17 1.69 5.38 13.35
N THR A 18 1.00 5.15 12.22
CA THR A 18 1.19 3.92 11.51
C THR A 18 2.60 3.85 10.95
N LEU A 19 3.18 4.99 10.53
CA LEU A 19 4.49 5.02 9.91
C LEU A 19 5.58 4.90 10.99
N GLU A 20 5.34 5.58 12.09
CA GLU A 20 6.14 5.39 13.31
C GLU A 20 6.20 3.94 13.76
N ALA A 21 5.08 3.23 13.67
CA ALA A 21 5.09 1.85 14.11
C ALA A 21 6.10 1.04 13.27
N LEU A 22 6.24 1.43 11.98
CA LEU A 22 7.19 0.79 11.11
C LEU A 22 8.61 1.18 11.48
N TYR A 23 8.84 2.48 11.68
CA TYR A 23 10.17 2.97 12.08
C TYR A 23 10.63 2.32 13.39
N ARG A 24 9.70 1.98 14.29
CA ARG A 24 9.99 1.40 15.60
C ARG A 24 10.67 0.03 15.37
N GLN A 25 10.46 -0.62 14.21
CA GLN A 25 10.95 -2.00 14.15
C GLN A 25 12.46 -1.97 13.95
N ASP A 26 13.19 -2.64 14.82
CA ASP A 26 14.67 -2.65 14.70
C ASP A 26 15.02 -4.11 14.92
N PRO A 27 15.67 -4.76 13.95
CA PRO A 27 16.43 -4.25 12.80
C PRO A 27 15.57 -3.95 11.57
N GLU A 28 14.27 -4.30 11.61
CA GLU A 28 13.57 -4.44 10.31
C GLU A 28 13.39 -3.17 9.46
N SER A 29 13.16 -2.01 10.08
CA SER A 29 13.00 -0.79 9.34
C SER A 29 14.29 -0.25 8.78
N LEU A 30 15.44 -0.74 9.27
CA LEU A 30 16.71 -0.08 8.89
C LEU A 30 16.95 0.05 7.43
N PRO A 31 16.79 -1.02 6.65
CA PRO A 31 16.94 -0.85 5.17
C PRO A 31 15.92 0.06 4.41
N PHE A 32 14.88 0.46 5.10
CA PHE A 32 13.72 1.23 4.63
C PHE A 32 13.69 2.69 5.07
N ARG A 33 14.69 3.10 5.88
CA ARG A 33 14.66 4.43 6.48
C ARG A 33 15.16 5.56 5.57
N GLN A 34 15.76 5.22 4.43
CA GLN A 34 16.32 6.20 3.51
C GLN A 34 16.16 5.64 2.10
N PRO A 35 16.19 6.50 1.06
CA PRO A 35 16.12 6.01 -0.32
C PRO A 35 17.27 5.05 -0.63
N VAL A 36 16.96 3.93 -1.30
CA VAL A 36 18.02 3.01 -1.75
C VAL A 36 18.95 3.82 -2.63
N ASP A 37 20.25 3.71 -2.33
CA ASP A 37 21.38 4.35 -3.03
C ASP A 37 22.16 3.27 -3.67
N PRO A 38 21.93 3.01 -5.00
CA PRO A 38 22.56 1.85 -5.62
C PRO A 38 24.11 1.84 -5.67
N GLN A 39 24.71 3.00 -5.82
CA GLN A 39 26.16 3.13 -5.69
C GLN A 39 26.66 2.73 -4.33
N LEU A 40 26.15 3.32 -3.26
CA LEU A 40 26.57 2.95 -1.88
C LEU A 40 26.39 1.50 -1.55
N LEU A 41 25.25 0.93 -2.00
CA LEU A 41 24.89 -0.46 -1.69
C LEU A 41 25.48 -1.44 -2.70
N GLY A 42 26.08 -0.93 -3.76
CA GLY A 42 26.67 -1.82 -4.73
C GLY A 42 25.71 -2.65 -5.56
N ILE A 43 24.55 -2.09 -5.89
CA ILE A 43 23.54 -2.81 -6.64
C ILE A 43 23.17 -2.00 -7.86
N PRO A 44 24.06 -1.99 -8.86
CA PRO A 44 23.83 -1.14 -10.04
C PRO A 44 22.63 -1.52 -10.92
N ASP A 45 22.15 -2.74 -10.78
CA ASP A 45 20.90 -3.16 -11.47
C ASP A 45 19.59 -2.65 -10.77
N TYR A 46 19.67 -1.93 -9.64
CA TYR A 46 18.48 -1.62 -8.84
C TYR A 46 17.39 -0.87 -9.65
N PHE A 47 17.77 0.22 -10.32
CA PHE A 47 16.80 1.00 -11.08
C PHE A 47 16.44 0.31 -12.43
N ASP A 48 17.07 -0.81 -12.74
CA ASP A 48 16.56 -1.64 -13.84
C ASP A 48 15.32 -2.40 -13.43
N ILE A 49 15.23 -2.71 -12.15
CA ILE A 49 14.18 -3.58 -11.66
C ILE A 49 13.08 -2.73 -11.02
N VAL A 50 13.52 -1.80 -10.16
CA VAL A 50 12.60 -0.86 -9.43
C VAL A 50 12.49 0.47 -10.19
N LYS A 51 11.36 0.66 -10.89
CA LYS A 51 11.13 1.87 -11.69
C LYS A 51 10.67 3.02 -10.88
N ASN A 52 10.03 2.77 -9.72
CA ASN A 52 9.42 3.77 -8.93
C ASN A 52 9.74 3.53 -7.43
N PRO A 53 10.94 3.94 -6.99
CA PRO A 53 11.34 3.75 -5.60
C PRO A 53 10.49 4.48 -4.61
N MET A 54 10.50 3.93 -3.39
CA MET A 54 9.79 4.43 -2.25
C MET A 54 10.43 3.94 -0.99
N ASP A 55 10.46 4.79 0.02
CA ASP A 55 11.01 4.49 1.37
C ASP A 55 10.31 5.32 2.46
N LEU A 56 10.61 5.00 3.71
CA LEU A 56 9.97 5.58 4.87
C LEU A 56 10.17 7.08 4.96
N SER A 57 11.34 7.53 4.58
CA SER A 57 11.61 9.00 4.63
C SER A 57 10.78 9.80 3.61
N THR A 58 10.49 9.20 2.46
CA THR A 58 9.86 9.87 1.35
C THR A 58 8.40 9.95 1.74
N ILE A 59 7.83 8.84 2.27
CA ILE A 59 6.42 8.83 2.74
C ILE A 59 6.23 9.85 3.85
N LYS A 60 7.23 9.91 4.74
CA LYS A 60 7.19 10.83 5.86
C LYS A 60 7.16 12.26 5.33
N ARG A 61 8.06 12.55 4.41
CA ARG A 61 8.11 13.86 3.76
C ARG A 61 6.81 14.21 3.06
N LYS A 62 6.17 13.22 2.43
CA LYS A 62 4.87 13.44 1.77
C LYS A 62 3.76 13.81 2.74
N LEU A 63 3.73 13.16 3.88
CA LEU A 63 2.82 13.47 4.94
C LEU A 63 3.01 14.90 5.59
N ASP A 64 4.28 15.18 5.91
CA ASP A 64 4.76 16.46 6.49
C ASP A 64 4.52 17.68 5.58
N THR A 65 4.40 17.45 4.28
CA THR A 65 4.28 18.47 3.26
C THR A 65 2.85 18.47 2.59
N GLY A 66 1.95 17.65 3.08
CA GLY A 66 0.59 17.67 2.55
C GLY A 66 0.49 17.15 1.12
N GLN A 67 1.31 16.15 0.74
CA GLN A 67 1.27 15.64 -0.64
C GLN A 67 0.20 14.59 -0.90
N TYR A 68 -0.49 14.14 0.13
CA TYR A 68 -1.52 13.12 -0.07
C TYR A 68 -2.87 13.83 0.03
N GLN A 69 -3.73 13.58 -0.93
CA GLN A 69 -5.07 14.20 -0.88
C GLN A 69 -6.03 13.32 -0.11
N GLU A 70 -5.80 12.01 -0.16
CA GLU A 70 -6.62 11.10 0.58
C GLU A 70 -5.72 9.89 0.99
N PRO A 71 -6.11 9.17 2.04
CA PRO A 71 -5.25 8.27 2.74
C PRO A 71 -4.95 6.96 1.95
N TRP A 72 -5.76 6.57 0.96
CA TRP A 72 -5.37 5.42 0.12
C TRP A 72 -4.10 5.67 -0.67
N GLN A 73 -3.81 6.94 -0.92
CA GLN A 73 -2.58 7.25 -1.55
C GLN A 73 -1.37 6.98 -0.66
N TYR A 74 -1.50 7.25 0.63
CA TYR A 74 -0.46 6.87 1.60
C TYR A 74 -0.30 5.34 1.68
N VAL A 75 -1.44 4.66 1.82
CA VAL A 75 -1.44 3.15 1.78
C VAL A 75 -0.77 2.58 0.55
N ASP A 76 -1.08 3.16 -0.61
CA ASP A 76 -0.40 2.75 -1.85
C ASP A 76 1.12 2.93 -1.81
N ASP A 77 1.60 4.04 -1.28
CA ASP A 77 3.05 4.21 -1.20
C ASP A 77 3.64 3.23 -0.25
N VAL A 78 2.99 2.96 0.89
CA VAL A 78 3.50 1.94 1.79
C VAL A 78 3.65 0.60 1.09
N TRP A 79 2.65 0.18 0.32
CA TRP A 79 2.74 -1.13 -0.37
C TRP A 79 3.74 -1.08 -1.58
N LEU A 80 3.90 0.11 -2.16
CA LEU A 80 4.87 0.26 -3.28
C LEU A 80 6.24 -0.02 -2.65
N MET A 81 6.49 0.60 -1.51
CA MET A 81 7.75 0.32 -0.80
C MET A 81 8.02 -1.17 -0.51
N PHE A 82 7.02 -1.85 0.04
CA PHE A 82 7.16 -3.30 0.29
C PHE A 82 7.30 -4.13 -0.98
N ASN A 83 6.45 -3.84 -1.95
CA ASN A 83 6.44 -4.54 -3.22
C ASN A 83 7.73 -4.35 -3.96
N ASN A 84 8.36 -3.15 -3.91
CA ASN A 84 9.68 -2.99 -4.52
C ASN A 84 10.72 -3.93 -3.90
N ALA A 85 10.80 -3.97 -2.56
CA ALA A 85 11.69 -4.78 -1.83
C ALA A 85 11.46 -6.28 -2.04
N TRP A 86 10.19 -6.71 -2.11
CA TRP A 86 9.90 -8.14 -2.38
C TRP A 86 10.24 -8.47 -3.80
N LEU A 87 10.21 -7.49 -4.70
CA LEU A 87 10.68 -7.73 -6.11
C LEU A 87 12.19 -7.88 -6.26
N TYR A 88 12.95 -6.87 -5.80
CA TYR A 88 14.38 -6.74 -5.97
C TYR A 88 15.09 -7.87 -5.22
N ASN A 89 14.67 -8.10 -3.99
CA ASN A 89 15.35 -9.02 -3.07
C ASN A 89 14.79 -10.42 -3.07
N ARG A 90 15.68 -11.35 -2.84
CA ARG A 90 15.31 -12.78 -2.83
C ARG A 90 14.61 -13.17 -1.55
N LYS A 91 13.75 -14.20 -1.60
CA LYS A 91 12.93 -14.66 -0.46
C LYS A 91 13.81 -15.03 0.71
N THR A 92 15.00 -15.52 0.46
CA THR A 92 15.89 -15.89 1.52
C THR A 92 16.77 -14.80 2.07
N SER A 93 16.74 -13.62 1.46
CA SER A 93 17.51 -12.51 1.93
C SER A 93 16.94 -11.81 3.18
N ARG A 94 17.88 -11.25 3.90
CA ARG A 94 17.54 -10.45 5.09
C ARG A 94 16.56 -9.33 4.79
N VAL A 95 16.79 -8.58 3.72
CA VAL A 95 15.92 -7.43 3.42
C VAL A 95 14.53 -7.88 3.04
N TYR A 96 14.41 -9.02 2.34
CA TYR A 96 13.03 -9.51 2.07
C TYR A 96 12.30 -9.90 3.33
N LYS A 97 12.97 -10.61 4.23
CA LYS A 97 12.33 -11.11 5.49
C LYS A 97 11.97 -9.91 6.38
N PHE A 98 12.83 -8.90 6.42
CA PHE A 98 12.55 -7.67 7.14
C PHE A 98 11.27 -6.94 6.61
N CYS A 99 11.15 -6.90 5.30
CA CYS A 99 10.05 -6.33 4.64
C CYS A 99 8.76 -7.03 5.00
N SER A 100 8.80 -8.37 5.04
CA SER A 100 7.60 -9.13 5.44
C SER A 100 7.18 -8.81 6.88
N LYS A 101 8.14 -8.55 7.75
CA LYS A 101 7.83 -8.16 9.15
C LYS A 101 7.16 -6.77 9.17
N LEU A 102 7.67 -5.80 8.40
CA LEU A 102 7.09 -4.49 8.33
C LEU A 102 5.62 -4.56 7.82
N ALA A 103 5.40 -5.44 6.85
CA ALA A 103 4.08 -5.58 6.29
C ALA A 103 3.13 -6.13 7.31
N GLU A 104 3.56 -7.12 8.09
CA GLU A 104 2.77 -7.62 9.20
C GLU A 104 2.38 -6.59 10.21
N VAL A 105 3.35 -5.79 10.65
CA VAL A 105 3.08 -4.66 11.54
C VAL A 105 2.06 -3.65 10.91
N PHE A 106 2.23 -3.30 9.65
CA PHE A 106 1.37 -2.38 8.96
C PHE A 106 -0.07 -2.85 8.90
N GLU A 107 -0.25 -4.11 8.52
CA GLU A 107 -1.57 -4.74 8.46
C GLU A 107 -2.32 -4.71 9.74
N GLN A 108 -1.60 -4.80 10.85
CA GLN A 108 -2.16 -4.76 12.18
C GLN A 108 -2.41 -3.33 12.65
N GLU A 109 -1.71 -2.36 12.08
CA GLU A 109 -1.95 -0.98 12.51
C GLU A 109 -3.01 -0.20 11.72
N ILE A 110 -3.13 -0.49 10.44
CA ILE A 110 -3.75 0.47 9.51
C ILE A 110 -5.30 0.49 9.61
N ASP A 111 -5.93 -0.61 10.06
CA ASP A 111 -7.37 -0.69 9.95
C ASP A 111 -8.10 0.32 10.88
N PRO A 112 -7.77 0.36 12.19
CA PRO A 112 -8.55 1.29 13.07
C PRO A 112 -8.28 2.72 12.67
N VAL A 113 -7.07 2.98 12.16
CA VAL A 113 -6.70 4.31 11.72
C VAL A 113 -7.49 4.74 10.47
N MET A 114 -7.57 3.84 9.49
CA MET A 114 -8.48 4.12 8.33
C MET A 114 -9.96 4.20 8.75
N GLN A 115 -10.37 3.37 9.71
CA GLN A 115 -11.70 3.52 10.27
C GLN A 115 -11.95 4.89 10.93
N SER A 116 -10.91 5.48 11.56
CA SER A 116 -11.03 6.80 12.23
C SER A 116 -11.19 7.89 11.19
N LEU A 117 -10.83 7.61 9.93
CA LEU A 117 -10.94 8.54 8.84
C LEU A 117 -12.27 8.30 8.03
N GLY A 118 -13.07 7.37 8.50
CA GLY A 118 -14.40 7.10 7.92
C GLY A 118 -14.46 5.93 6.95
N TYR A 119 -13.38 5.15 6.85
CA TYR A 119 -13.29 4.07 5.88
C TYR A 119 -13.69 2.74 6.47
N CYS A 120 -13.96 1.78 5.60
CA CYS A 120 -14.32 0.46 6.07
C CYS A 120 -13.15 -0.22 6.82
N CYS A 121 -11.97 -0.08 6.24
CA CYS A 121 -10.74 -0.67 6.77
C CYS A 121 -9.57 -0.04 6.00
N GLY A 122 -8.35 -0.52 6.27
CA GLY A 122 -7.14 -0.03 5.62
C GLY A 122 -6.43 -1.06 4.73
N ARG A 123 -7.06 -2.23 4.54
CA ARG A 123 -6.43 -3.35 3.86
C ARG A 123 -6.33 -3.18 2.29
N LYS A 124 -5.15 -3.37 1.73
CA LYS A 124 -5.00 -3.14 0.28
C LYS A 124 -5.45 -4.36 -0.52
N TYR A 125 -4.91 -5.52 -0.17
CA TYR A 125 -5.05 -6.76 -0.93
C TYR A 125 -6.17 -7.70 -0.48
N GLU A 126 -6.79 -8.36 -1.46
N GLU A 126 -6.75 -8.39 -1.47
CA GLU A 126 -7.68 -9.49 -1.18
CA GLU A 126 -7.64 -9.50 -1.22
C GLU A 126 -6.95 -10.45 -0.29
C GLU A 126 -6.94 -10.49 -0.32
N PHE A 127 -7.73 -11.23 0.44
CA PHE A 127 -7.17 -12.17 1.40
C PHE A 127 -6.51 -13.38 0.78
N SER A 128 -6.98 -13.84 -0.38
CA SER A 128 -6.31 -15.00 -1.00
C SER A 128 -6.24 -14.82 -2.48
N PRO A 129 -5.40 -15.64 -3.18
CA PRO A 129 -5.44 -15.72 -4.63
C PRO A 129 -6.83 -16.19 -5.08
N GLN A 130 -7.29 -15.73 -6.23
CA GLN A 130 -8.61 -16.12 -6.71
C GLN A 130 -8.44 -17.48 -7.42
N THR A 131 -9.45 -18.32 -7.31
CA THR A 131 -9.39 -19.59 -8.03
C THR A 131 -9.47 -19.32 -9.55
N LEU A 132 -8.56 -19.92 -10.33
CA LEU A 132 -8.59 -19.80 -11.80
C LEU A 132 -9.40 -20.95 -12.43
N CYS A 133 -9.91 -20.72 -13.62
CA CYS A 133 -10.54 -21.81 -14.43
C CYS A 133 -9.50 -22.67 -15.23
N CYS A 134 -9.45 -24.01 -15.02
CA CYS A 134 -8.66 -25.00 -15.84
C CYS A 134 -9.45 -25.13 -17.14
N ASN A 169 8.17 -2.29 -24.46
CA ASN A 169 7.29 -2.24 -23.29
C ASN A 169 7.20 -0.81 -22.77
N VAL A 170 6.84 -0.53 -21.49
CA VAL A 170 6.55 0.88 -21.09
C VAL A 170 6.42 1.18 -19.59
N THR A 171 5.39 1.93 -19.25
CA THR A 171 4.91 2.13 -17.90
C THR A 171 3.91 0.97 -17.70
N LEU A 172 4.21 0.08 -16.76
CA LEU A 172 3.32 -1.04 -16.39
C LEU A 172 2.43 -0.72 -15.22
N GLY A 173 1.34 -0.05 -15.47
CA GLY A 173 0.47 0.32 -14.38
C GLY A 173 -0.76 -0.51 -14.27
N ASP A 174 -0.73 -1.61 -13.48
CA ASP A 174 -2.02 -2.22 -12.98
C ASP A 174 -2.60 -1.46 -11.79
N ASP A 175 -1.72 -0.96 -10.92
CA ASP A 175 -2.11 -0.45 -9.65
C ASP A 175 -0.94 0.40 -9.17
N PRO A 176 -1.21 1.48 -8.45
CA PRO A 176 -0.14 2.36 -8.03
C PRO A 176 0.96 1.72 -7.15
N SER A 177 0.64 0.62 -6.46
CA SER A 177 1.60 -0.11 -5.70
C SER A 177 2.35 -1.23 -6.44
N GLN A 178 1.97 -1.56 -7.66
CA GLN A 178 2.50 -2.64 -8.34
C GLN A 178 3.79 -2.12 -8.98
N PRO A 179 4.89 -2.82 -8.75
CA PRO A 179 6.09 -2.26 -9.37
C PRO A 179 5.99 -2.36 -10.90
N GLN A 180 6.35 -1.30 -11.59
CA GLN A 180 6.09 -1.28 -13.04
C GLN A 180 7.11 -2.07 -13.80
N THR A 181 6.72 -2.52 -15.00
CA THR A 181 7.56 -3.32 -15.93
C THR A 181 7.68 -2.50 -17.23
N THR A 182 8.86 -2.60 -17.87
CA THR A 182 9.14 -2.00 -19.20
C THR A 182 9.56 -3.08 -20.17
N LYS A 190 4.76 -21.22 -17.12
CA LYS A 190 4.44 -22.00 -15.91
C LYS A 190 4.44 -21.08 -14.65
N LYS A 191 3.54 -21.38 -13.72
CA LYS A 191 3.22 -20.44 -12.64
C LYS A 191 2.70 -21.08 -11.36
N LYS A 192 2.64 -20.25 -10.33
CA LYS A 192 1.99 -20.59 -9.06
C LYS A 192 0.92 -19.51 -8.76
N ASN A 193 -0.20 -19.99 -8.28
CA ASN A 193 -1.37 -19.16 -8.13
C ASN A 193 -1.35 -18.54 -6.75
N ASP A 194 -0.35 -17.73 -6.47
CA ASP A 194 -0.17 -17.17 -5.10
C ASP A 194 -0.11 -15.63 -5.08
N THR A 195 -0.54 -14.99 -6.18
CA THR A 195 -0.62 -13.53 -6.26
C THR A 195 -1.92 -13.02 -5.68
N LEU A 196 -1.86 -11.86 -5.07
CA LEU A 196 -3.04 -11.21 -4.49
C LEU A 196 -3.34 -9.99 -5.31
N ASP A 197 -4.60 -9.82 -5.66
CA ASP A 197 -5.05 -8.61 -6.29
C ASP A 197 -5.55 -7.60 -5.29
N PRO A 198 -5.56 -6.29 -5.66
CA PRO A 198 -6.16 -5.28 -4.78
C PRO A 198 -7.64 -5.52 -4.59
N GLU A 199 -8.08 -5.36 -3.37
CA GLU A 199 -9.50 -5.47 -3.05
C GLU A 199 -10.20 -4.36 -3.79
N PRO A 200 -11.20 -4.70 -4.65
CA PRO A 200 -11.92 -3.67 -5.44
C PRO A 200 -12.75 -2.69 -4.61
N PHE A 201 -12.79 -1.46 -5.12
CA PHE A 201 -13.47 -0.35 -4.53
C PHE A 201 -14.84 -0.04 -5.19
N VAL A 202 -15.69 0.60 -4.38
CA VAL A 202 -16.82 1.37 -4.83
C VAL A 202 -16.78 2.69 -4.06
N ASP A 203 -17.13 3.77 -4.74
CA ASP A 203 -17.10 5.09 -4.12
C ASP A 203 -18.39 5.43 -3.49
N CYS A 204 -18.34 6.03 -2.34
CA CYS A 204 -19.51 6.62 -1.83
C CYS A 204 -19.90 7.79 -2.77
N LYS A 205 -21.16 7.81 -3.21
CA LYS A 205 -21.57 8.89 -4.10
C LYS A 205 -21.71 10.25 -3.38
N GLU A 206 -21.90 10.26 -2.08
CA GLU A 206 -21.96 11.50 -1.31
C GLU A 206 -20.56 12.10 -0.93
N CYS A 207 -19.77 11.36 -0.14
CA CYS A 207 -18.43 11.91 0.30
C CYS A 207 -17.25 11.59 -0.64
N GLY A 208 -17.42 10.65 -1.55
CA GLY A 208 -16.40 10.35 -2.51
C GLY A 208 -15.31 9.40 -1.99
N ARG A 209 -15.42 8.96 -0.77
CA ARG A 209 -14.50 7.93 -0.21
C ARG A 209 -14.61 6.61 -0.94
N LYS A 210 -13.44 6.06 -1.23
CA LYS A 210 -13.30 4.71 -1.78
C LYS A 210 -13.40 3.68 -0.64
N MET A 211 -14.36 2.78 -0.80
CA MET A 211 -14.64 1.73 0.20
C MET A 211 -14.54 0.42 -0.52
N HIS A 212 -14.16 -0.62 0.19
CA HIS A 212 -14.21 -1.98 -0.42
C HIS A 212 -15.64 -2.49 -0.67
N GLN A 213 -15.87 -2.97 -1.86
CA GLN A 213 -17.08 -3.75 -2.27
C GLN A 213 -17.38 -4.83 -1.24
N ILE A 214 -16.36 -5.61 -0.85
CA ILE A 214 -16.60 -6.75 0.07
C ILE A 214 -16.85 -6.26 1.48
N CYS A 215 -16.31 -5.08 1.81
CA CYS A 215 -16.64 -4.52 3.12
C CYS A 215 -18.00 -3.89 3.20
N VAL A 216 -18.53 -3.27 2.16
CA VAL A 216 -19.74 -2.43 2.39
C VAL A 216 -20.94 -2.85 1.59
N LEU A 217 -20.71 -3.70 0.61
CA LEU A 217 -21.81 -4.18 -0.21
C LEU A 217 -22.16 -5.56 0.36
N HIS A 218 -23.43 -5.77 0.70
CA HIS A 218 -23.84 -7.08 1.25
C HIS A 218 -24.81 -7.82 0.36
N TYR A 219 -24.78 -9.18 0.40
CA TYR A 219 -25.54 -10.05 -0.46
C TYR A 219 -27.08 -9.79 -0.51
N ASP A 220 -27.62 -9.14 0.49
CA ASP A 220 -29.08 -8.98 0.61
C ASP A 220 -29.47 -7.49 0.57
N ILE A 221 -28.56 -6.62 0.12
CA ILE A 221 -28.88 -5.17 0.01
C ILE A 221 -28.65 -4.73 -1.43
N ILE A 222 -29.55 -3.90 -1.96
CA ILE A 222 -29.37 -3.39 -3.32
C ILE A 222 -29.29 -1.87 -3.21
N TRP A 223 -28.55 -1.26 -4.10
CA TRP A 223 -28.27 0.16 -4.04
C TRP A 223 -28.67 0.77 -5.43
N PRO A 224 -29.97 0.82 -5.77
CA PRO A 224 -30.30 1.27 -7.14
C PRO A 224 -29.78 2.66 -7.45
N SER A 225 -29.72 3.53 -6.45
CA SER A 225 -29.30 4.90 -6.70
C SER A 225 -27.79 5.10 -6.46
N GLY A 226 -27.06 3.99 -6.28
CA GLY A 226 -25.61 4.07 -6.04
C GLY A 226 -25.32 3.95 -4.54
N PHE A 227 -24.12 3.48 -4.24
CA PHE A 227 -23.65 3.20 -2.89
C PHE A 227 -23.50 4.49 -2.15
N VAL A 228 -24.07 4.53 -0.94
CA VAL A 228 -23.78 5.58 0.05
C VAL A 228 -23.28 4.92 1.37
N CYS A 229 -22.12 5.37 1.83
CA CYS A 229 -21.50 4.85 3.09
C CYS A 229 -22.34 5.14 4.32
N ASP A 230 -22.12 4.38 5.41
CA ASP A 230 -22.94 4.55 6.64
C ASP A 230 -22.82 5.92 7.27
N ASN A 231 -21.63 6.53 7.22
CA ASN A 231 -21.42 7.88 7.72
C ASN A 231 -22.45 8.79 7.13
N CYS A 232 -22.45 8.85 5.77
CA CYS A 232 -23.18 9.82 4.95
C CYS A 232 -24.69 9.54 4.98
N LEU A 233 -25.07 8.25 5.00
CA LEU A 233 -26.44 7.82 5.38
C LEU A 233 -26.77 8.38 6.76
N GLY B 3 15.81 -11.77 -13.74
CA GLY B 3 14.61 -11.83 -12.83
C GLY B 3 14.89 -11.14 -11.51
N LYS B 4 15.68 -11.80 -10.66
CA LYS B 4 16.00 -11.26 -9.33
C LYS B 4 17.26 -10.38 -9.43
N GLY B 5 17.42 -9.40 -8.56
CA GLY B 5 18.59 -8.57 -8.65
C GLY B 5 19.78 -9.29 -8.03
N LEU B 6 20.95 -8.77 -8.29
CA LEU B 6 22.14 -8.96 -7.53
C LEU B 6 21.68 -8.61 -6.15
N GLY B 7 21.98 -9.28 -5.12
CA GLY B 7 21.31 -8.75 -3.86
C GLY B 7 22.03 -7.64 -3.16
OH ALY B 8 15.52 -3.20 -1.45
CH ALY B 8 15.92 -2.46 -0.58
CH3 ALY B 8 15.07 -1.68 0.38
NZ ALY B 8 17.21 -2.35 -0.41
CE ALY B 8 18.23 -3.05 -1.25
CD ALY B 8 19.32 -3.79 -0.44
CG ALY B 8 20.17 -4.71 -1.34
CB ALY B 8 21.09 -5.52 -0.39
CA ALY B 8 22.13 -6.25 -1.19
N ALY B 8 21.49 -7.22 -2.03
C ALY B 8 23.05 -6.95 -0.23
O ALY B 8 23.81 -6.34 0.55
ZN ZN C . -12.48 -2.45 3.64
ZN ZN D . -19.88 8.71 2.33
#